data_7W0G
#
_entry.id   7W0G
#
_cell.length_a   39.860
_cell.length_b   93.201
_cell.length_c   96.716
_cell.angle_alpha   90.000
_cell.angle_beta   96.270
_cell.angle_gamma   90.000
#
_symmetry.space_group_name_H-M   'P 1 21 1'
#
loop_
_entity.id
_entity.type
_entity.pdbx_description
1 polymer 'Peroxisome proliferator-activated receptor delta'
2 non-polymer '2-[2,6-dimethyl-4-[[5-oxidanylidene-4-[4-(trifluoromethyloxy)phenyl]-1,2,4-triazol-1-yl]methyl]phenoxy]-2-methyl-propanoic acid'
3 water water
#
_entity_poly.entity_id   1
_entity_poly.type   'polypeptide(L)'
_entity_poly.pdbx_seq_one_letter_code
;MHHHHHHLVPRGSADLKAFSKHIYNAYLKNFNMTKKKARSILTGKASHTAPFVIHDIETLWQAEKGLVWKQLVNGLPPYK
EISVHVFYRCQCTTVETVRELTEFAKSIPSFSSLFLNDQVTLLKYGVHEAIFAMLASIVNKDGLLVANGSGFVTREFLRS
LRKPFSDIIEPKFEFAVKFNALELDDSDLALFIAAIILCGDRPGLMNVPRVEAIQDTILRALEFHLQANHPDAQYLFPKL
LQKMADLRQLVTEHAQMMQRIKKTETETSLHPLLQEIYKDMY
;
_entity_poly.pdbx_strand_id   A,B
#
# COMPACT_ATOMS: atom_id res chain seq x y z
N ALA A 14 -15.79 -17.18 -20.37
CA ALA A 14 -16.25 -15.96 -21.04
C ALA A 14 -16.59 -14.85 -20.03
N ASP A 15 -16.93 -13.68 -20.56
CA ASP A 15 -16.80 -12.39 -19.88
C ASP A 15 -17.00 -12.35 -18.36
N LEU A 16 -18.25 -12.53 -17.91
CA LEU A 16 -18.53 -12.58 -16.48
C LEU A 16 -18.22 -13.93 -15.87
N LYS A 17 -18.38 -15.01 -16.63
CA LYS A 17 -17.90 -16.31 -16.18
C LYS A 17 -16.38 -16.31 -15.98
N ALA A 18 -15.64 -15.71 -16.91
CA ALA A 18 -14.19 -15.63 -16.77
C ALA A 18 -13.81 -14.84 -15.53
N PHE A 19 -14.43 -13.66 -15.38
CA PHE A 19 -14.18 -12.83 -14.21
C PHE A 19 -14.47 -13.59 -12.91
N SER A 20 -15.67 -14.16 -12.82
CA SER A 20 -16.06 -14.97 -11.67
C SER A 20 -15.04 -16.05 -11.35
N LYS A 21 -14.64 -16.82 -12.37
CA LYS A 21 -13.78 -17.97 -12.10
C LYS A 21 -12.43 -17.51 -11.60
N HIS A 22 -11.92 -16.42 -12.14
CA HIS A 22 -10.63 -15.92 -11.69
C HIS A 22 -10.72 -15.43 -10.24
N ILE A 23 -11.83 -14.79 -9.87
CA ILE A 23 -12.03 -14.38 -8.48
C ILE A 23 -12.06 -15.61 -7.59
N TYR A 24 -12.80 -16.65 -8.02
CA TYR A 24 -12.86 -17.90 -7.26
C TYR A 24 -11.48 -18.48 -7.07
N ASN A 25 -10.66 -18.47 -8.11
CA ASN A 25 -9.33 -19.04 -7.97
C ASN A 25 -8.49 -18.27 -6.97
N ALA A 26 -8.58 -16.93 -6.98
CA ALA A 26 -7.90 -16.13 -5.98
C ALA A 26 -8.35 -16.49 -4.56
N TYR A 27 -9.66 -16.69 -4.41
CA TYR A 27 -10.22 -17.11 -3.14
C TYR A 27 -9.66 -18.45 -2.70
N LEU A 28 -9.69 -19.45 -3.60
CA LEU A 28 -9.20 -20.78 -3.28
C LEU A 28 -7.71 -20.76 -3.00
N LYS A 29 -6.93 -19.82 -3.63
CA LYS A 29 -5.46 -19.80 -3.41
C LYS A 29 -5.12 -19.09 -2.13
N ASN A 30 -6.02 -18.28 -1.54
CA ASN A 30 -5.56 -17.45 -0.43
C ASN A 30 -6.15 -17.73 0.95
N PHE A 31 -7.27 -18.43 1.06
CA PHE A 31 -7.92 -18.64 2.35
C PHE A 31 -7.74 -20.09 2.79
N ASN A 32 -7.06 -20.29 3.92
CA ASN A 32 -6.83 -21.63 4.43
C ASN A 32 -8.14 -22.34 4.76
N MET A 33 -9.12 -21.61 5.28
CA MET A 33 -10.40 -22.18 5.70
C MET A 33 -11.50 -21.70 4.76
N THR A 34 -12.04 -22.61 3.95
CA THR A 34 -13.19 -22.35 3.10
C THR A 34 -14.45 -22.83 3.80
N LYS A 35 -15.60 -22.37 3.29
CA LYS A 35 -16.85 -22.90 3.83
C LYS A 35 -16.96 -24.40 3.55
N LYS A 36 -16.42 -24.87 2.43
CA LYS A 36 -16.44 -26.29 2.09
C LYS A 36 -15.76 -27.13 3.18
N LYS A 37 -14.47 -26.86 3.40
CA LYS A 37 -13.71 -27.51 4.48
C LYS A 37 -14.45 -27.41 5.80
N ALA A 38 -14.96 -26.22 6.14
CA ALA A 38 -15.56 -26.00 7.45
C ALA A 38 -16.82 -26.83 7.63
N ARG A 39 -17.73 -26.80 6.66
CA ARG A 39 -18.93 -27.64 6.79
C ARG A 39 -18.57 -29.12 6.82
N SER A 40 -17.59 -29.55 6.03
CA SER A 40 -17.18 -30.96 6.07
C SER A 40 -16.69 -31.35 7.46
N ILE A 41 -15.98 -30.45 8.14
CA ILE A 41 -15.54 -30.74 9.51
C ILE A 41 -16.71 -30.67 10.49
N LEU A 42 -17.57 -29.66 10.36
CA LEU A 42 -18.62 -29.44 11.36
C LEU A 42 -19.71 -30.51 11.31
N THR A 43 -19.96 -31.11 10.14
CA THR A 43 -20.96 -32.17 9.99
C THR A 43 -20.42 -33.56 10.29
N GLY A 44 -19.11 -33.72 10.40
CA GLY A 44 -18.51 -34.98 10.78
C GLY A 44 -18.11 -35.92 9.65
N LYS A 45 -17.93 -35.40 8.43
CA LYS A 45 -17.64 -36.26 7.28
C LYS A 45 -16.15 -36.46 7.07
N ALA A 46 -15.34 -35.44 7.34
CA ALA A 46 -13.89 -35.57 7.30
C ALA A 46 -13.32 -35.96 8.65
N SER A 47 -14.17 -36.17 9.66
CA SER A 47 -13.71 -36.16 11.04
C SER A 47 -13.35 -37.53 11.62
N HIS A 48 -14.35 -38.42 11.73
CA HIS A 48 -14.33 -39.68 12.47
C HIS A 48 -14.26 -39.40 13.98
N THR A 49 -13.59 -38.32 14.37
CA THR A 49 -13.70 -37.72 15.69
C THR A 49 -13.57 -36.21 15.56
N ALA A 50 -14.49 -35.50 16.19
CA ALA A 50 -14.70 -34.06 16.11
C ALA A 50 -13.47 -33.25 16.56
N PRO A 51 -13.47 -31.92 16.35
CA PRO A 51 -12.39 -31.09 16.89
C PRO A 51 -12.44 -30.96 18.40
N PHE A 52 -11.30 -30.57 18.97
CA PHE A 52 -11.22 -30.38 20.41
C PHE A 52 -12.11 -29.22 20.83
N VAL A 53 -13.08 -29.49 21.70
CA VAL A 53 -14.06 -28.49 22.14
C VAL A 53 -13.49 -27.70 23.30
N ILE A 54 -13.40 -26.38 23.12
CA ILE A 54 -13.04 -25.44 24.17
C ILE A 54 -14.32 -24.79 24.71
N HIS A 55 -14.57 -24.99 26.02
CA HIS A 55 -15.74 -24.39 26.65
C HIS A 55 -15.48 -23.90 28.08
N ASP A 56 -14.22 -23.76 28.49
CA ASP A 56 -13.86 -23.36 29.85
C ASP A 56 -12.33 -23.27 29.94
N ILE A 57 -11.85 -22.77 31.09
CA ILE A 57 -10.42 -22.50 31.27
C ILE A 57 -9.58 -23.73 31.02
N GLU A 58 -9.98 -24.87 31.60
CA GLU A 58 -9.15 -26.07 31.50
C GLU A 58 -8.90 -26.44 30.04
N THR A 59 -9.97 -26.60 29.24
CA THR A 59 -9.78 -26.97 27.85
C THR A 59 -9.00 -25.91 27.09
N LEU A 60 -9.15 -24.65 27.46
CA LEU A 60 -8.32 -23.62 26.84
C LEU A 60 -6.86 -23.85 27.13
N TRP A 61 -6.52 -24.16 28.38
CA TRP A 61 -5.14 -24.44 28.76
C TRP A 61 -4.61 -25.65 28.01
N GLN A 62 -5.40 -26.72 27.96
CA GLN A 62 -5.04 -27.93 27.21
C GLN A 62 -4.78 -27.61 25.74
N ALA A 63 -5.71 -26.89 25.10
CA ALA A 63 -5.58 -26.53 23.70
C ALA A 63 -4.32 -25.70 23.44
N GLU A 64 -3.90 -24.89 24.40
CA GLU A 64 -2.75 -24.01 24.18
C GLU A 64 -1.42 -24.70 24.38
N LYS A 65 -1.42 -25.95 24.83
CA LYS A 65 -0.15 -26.67 24.89
C LYS A 65 -0.06 -27.84 23.94
N GLY A 66 -0.33 -27.57 22.67
CA GLY A 66 -0.09 -28.53 21.62
C GLY A 66 -1.35 -28.98 20.90
N LEU A 67 -2.44 -29.24 21.65
CA LEU A 67 -3.62 -29.85 21.03
C LEU A 67 -4.16 -29.01 19.88
N VAL A 68 -4.26 -27.69 20.08
CA VAL A 68 -4.81 -26.78 19.08
C VAL A 68 -3.76 -25.77 18.62
N TRP A 69 -3.10 -25.11 19.58
CA TRP A 69 -1.96 -24.23 19.30
C TRP A 69 -0.72 -24.87 19.92
N LYS A 70 0.26 -25.19 19.08
CA LYS A 70 1.28 -26.18 19.40
C LYS A 70 2.63 -25.52 19.72
N GLN A 71 2.60 -24.50 20.56
CA GLN A 71 3.81 -23.77 20.90
C GLN A 71 4.06 -23.86 22.39
N LEU A 72 5.31 -23.75 22.81
CA LEU A 72 5.50 -23.94 24.24
C LEU A 72 5.59 -22.62 25.01
N VAL A 73 5.63 -21.46 24.34
CA VAL A 73 5.26 -20.17 24.97
C VAL A 73 4.24 -19.47 24.08
N ASN A 74 3.14 -19.00 24.70
CA ASN A 74 1.96 -18.58 23.93
C ASN A 74 2.25 -17.44 22.99
N GLY A 75 3.31 -16.66 23.24
CA GLY A 75 3.58 -15.47 22.45
C GLY A 75 2.47 -14.46 22.42
N LEU A 76 1.54 -14.53 23.37
CA LEU A 76 0.54 -13.49 23.47
C LEU A 76 0.98 -12.44 24.47
N PRO A 77 0.43 -11.22 24.38
CA PRO A 77 0.81 -10.17 25.33
C PRO A 77 0.49 -10.59 26.75
N PRO A 78 1.08 -9.93 27.74
CA PRO A 78 0.71 -10.24 29.13
C PRO A 78 -0.75 -9.96 29.38
N TYR A 79 -1.48 -10.99 29.80
CA TYR A 79 -2.88 -10.88 30.15
C TYR A 79 -3.06 -11.32 31.59
N LYS A 80 -4.00 -10.70 32.28
CA LYS A 80 -4.30 -11.12 33.64
C LYS A 80 -5.65 -11.81 33.79
N GLU A 81 -6.35 -12.13 32.70
CA GLU A 81 -7.60 -12.87 32.91
C GLU A 81 -8.04 -13.62 31.65
N ILE A 82 -8.98 -14.53 31.86
CA ILE A 82 -9.48 -15.41 30.81
C ILE A 82 -10.09 -14.58 29.67
N SER A 83 -10.88 -13.57 30.02
CA SER A 83 -11.57 -12.78 29.00
C SER A 83 -10.58 -12.10 28.08
N VAL A 84 -9.57 -11.45 28.66
CA VAL A 84 -8.55 -10.79 27.85
C VAL A 84 -7.76 -11.81 27.04
N HIS A 85 -7.49 -12.98 27.63
CA HIS A 85 -6.79 -14.04 26.91
C HIS A 85 -7.54 -14.42 25.64
N VAL A 86 -8.86 -14.65 25.75
CA VAL A 86 -9.68 -15.00 24.60
C VAL A 86 -9.73 -13.85 23.58
N PHE A 87 -9.82 -12.60 24.08
CA PHE A 87 -9.76 -11.40 23.22
C PHE A 87 -8.49 -11.38 22.36
N TYR A 88 -7.36 -11.76 22.96
CA TYR A 88 -6.09 -11.81 22.23
C TYR A 88 -6.10 -12.92 21.19
N ARG A 89 -6.67 -14.08 21.53
CA ARG A 89 -6.85 -15.12 20.52
C ARG A 89 -7.69 -14.60 19.34
N CYS A 90 -8.74 -13.83 19.66
CA CYS A 90 -9.56 -13.21 18.63
C CYS A 90 -8.71 -12.33 17.73
N GLN A 91 -7.82 -11.54 18.34
CA GLN A 91 -6.93 -10.68 17.56
C GLN A 91 -6.05 -11.50 16.62
N CYS A 92 -5.52 -12.62 17.10
CA CYS A 92 -4.64 -13.46 16.27
C CYS A 92 -5.38 -13.98 15.04
N THR A 93 -6.55 -14.59 15.26
CA THR A 93 -7.34 -15.05 14.13
C THR A 93 -7.59 -13.93 13.14
N THR A 94 -7.97 -12.76 13.65
CA THR A 94 -8.34 -11.64 12.79
C THR A 94 -7.15 -11.14 11.99
N VAL A 95 -5.98 -11.04 12.61
CA VAL A 95 -4.79 -10.56 11.90
C VAL A 95 -4.45 -11.52 10.76
N GLU A 96 -4.55 -12.83 11.01
CA GLU A 96 -4.23 -13.74 9.92
C GLU A 96 -5.27 -13.64 8.80
N THR A 97 -6.53 -13.37 9.16
CA THR A 97 -7.53 -13.17 8.11
C THR A 97 -7.25 -11.91 7.32
N VAL A 98 -6.79 -10.86 7.98
CA VAL A 98 -6.46 -9.63 7.26
C VAL A 98 -5.34 -9.90 6.25
N ARG A 99 -4.34 -10.69 6.66
CA ARG A 99 -3.26 -11.06 5.74
C ARG A 99 -3.80 -11.82 4.52
N GLU A 100 -4.70 -12.79 4.77
CA GLU A 100 -5.27 -13.54 3.66
C GLU A 100 -6.08 -12.65 2.73
N LEU A 101 -6.88 -11.73 3.29
CA LEU A 101 -7.72 -10.85 2.48
C LEU A 101 -6.86 -9.90 1.65
N THR A 102 -5.73 -9.47 2.21
CA THR A 102 -4.84 -8.60 1.45
C THR A 102 -4.30 -9.31 0.24
N GLU A 103 -3.85 -10.56 0.44
CA GLU A 103 -3.36 -11.34 -0.69
C GLU A 103 -4.47 -11.61 -1.69
N PHE A 104 -5.68 -11.88 -1.20
CA PHE A 104 -6.80 -12.12 -2.10
C PHE A 104 -7.09 -10.88 -2.94
N ALA A 105 -7.12 -9.71 -2.31
CA ALA A 105 -7.42 -8.50 -3.08
C ALA A 105 -6.37 -8.23 -4.14
N LYS A 106 -5.10 -8.57 -3.86
CA LYS A 106 -4.06 -8.34 -4.86
C LYS A 106 -4.34 -9.09 -6.18
N SER A 107 -5.05 -10.21 -6.11
CA SER A 107 -5.35 -11.00 -7.30
C SER A 107 -6.66 -10.62 -7.96
N ILE A 108 -7.37 -9.64 -7.44
CA ILE A 108 -8.61 -9.20 -8.09
C ILE A 108 -8.27 -8.35 -9.32
N PRO A 109 -8.91 -8.58 -10.48
CA PRO A 109 -8.64 -7.74 -11.66
C PRO A 109 -8.84 -6.26 -11.38
N SER A 110 -7.78 -5.49 -11.57
CA SER A 110 -7.69 -4.04 -11.48
C SER A 110 -7.56 -3.54 -10.05
N PHE A 111 -7.60 -4.41 -9.04
CA PHE A 111 -7.24 -3.95 -7.70
C PHE A 111 -5.78 -3.52 -7.67
N SER A 112 -4.90 -4.42 -8.10
CA SER A 112 -3.47 -4.16 -8.13
C SER A 112 -3.12 -2.93 -8.96
N SER A 113 -4.02 -2.48 -9.82
CA SER A 113 -3.78 -1.35 -10.69
C SER A 113 -4.21 -0.02 -10.07
N LEU A 114 -4.84 -0.01 -8.90
CA LEU A 114 -5.11 1.25 -8.21
C LEU A 114 -3.82 1.79 -7.59
N PHE A 115 -3.83 3.07 -7.26
CA PHE A 115 -2.74 3.62 -6.46
C PHE A 115 -2.67 2.89 -5.13
N LEU A 116 -1.44 2.66 -4.66
CA LEU A 116 -1.25 1.95 -3.40
C LEU A 116 -2.02 2.58 -2.25
N ASN A 117 -2.10 3.91 -2.22
CA ASN A 117 -2.92 4.59 -1.22
C ASN A 117 -4.36 4.08 -1.24
N ASP A 118 -4.92 3.88 -2.44
CA ASP A 118 -6.30 3.43 -2.54
C ASP A 118 -6.45 1.98 -2.10
N GLN A 119 -5.49 1.13 -2.47
CA GLN A 119 -5.49 -0.24 -1.98
C GLN A 119 -5.51 -0.27 -0.44
N VAL A 120 -4.64 0.52 0.18
CA VAL A 120 -4.56 0.56 1.64
C VAL A 120 -5.87 1.06 2.23
N THR A 121 -6.45 2.13 1.66
CA THR A 121 -7.72 2.65 2.16
C THR A 121 -8.81 1.58 2.08
N LEU A 122 -8.93 0.93 0.93
CA LEU A 122 -9.94 -0.08 0.73
C LEU A 122 -9.80 -1.20 1.75
N LEU A 123 -8.59 -1.69 1.95
CA LEU A 123 -8.42 -2.78 2.91
C LEU A 123 -8.74 -2.31 4.32
N LYS A 124 -8.19 -1.14 4.70
CA LYS A 124 -8.42 -0.55 6.00
C LYS A 124 -9.90 -0.51 6.36
N TYR A 125 -10.73 -0.07 5.42
CA TYR A 125 -12.15 0.11 5.74
C TYR A 125 -13.01 -1.08 5.33
N GLY A 126 -12.43 -2.09 4.69
CA GLY A 126 -13.23 -3.21 4.22
C GLY A 126 -13.00 -4.51 4.95
N VAL A 127 -11.80 -4.70 5.56
CA VAL A 127 -11.44 -6.02 6.05
C VAL A 127 -12.42 -6.52 7.11
N HIS A 128 -12.93 -5.63 7.96
CA HIS A 128 -13.81 -6.09 9.03
C HIS A 128 -15.16 -6.55 8.47
N GLU A 129 -15.72 -5.79 7.54
CA GLU A 129 -16.93 -6.23 6.84
C GLU A 129 -16.71 -7.61 6.22
N ALA A 130 -15.57 -7.79 5.54
CA ALA A 130 -15.28 -9.06 4.90
C ALA A 130 -15.10 -10.17 5.93
N ILE A 131 -14.39 -9.87 7.02
CA ILE A 131 -14.17 -10.85 8.08
C ILE A 131 -15.48 -11.30 8.69
N PHE A 132 -16.40 -10.36 8.91
CA PHE A 132 -17.68 -10.72 9.49
C PHE A 132 -18.51 -11.56 8.53
N ALA A 133 -18.47 -11.25 7.23
CA ALA A 133 -19.14 -12.09 6.24
C ALA A 133 -18.57 -13.51 6.24
N MET A 134 -17.24 -13.64 6.21
CA MET A 134 -16.61 -14.96 6.11
C MET A 134 -16.68 -15.75 7.40
N LEU A 135 -16.83 -15.08 8.54
CA LEU A 135 -17.00 -15.76 9.83
C LEU A 135 -18.13 -16.77 9.78
N ALA A 136 -19.22 -16.43 9.11
CA ALA A 136 -20.36 -17.32 9.04
C ALA A 136 -19.98 -18.69 8.50
N SER A 137 -18.89 -18.78 7.72
CA SER A 137 -18.48 -20.05 7.14
C SER A 137 -18.01 -21.05 8.19
N ILE A 138 -17.57 -20.56 9.35
CA ILE A 138 -17.00 -21.40 10.39
C ILE A 138 -17.85 -21.34 11.66
N VAL A 139 -19.12 -20.95 11.54
CA VAL A 139 -19.98 -20.77 12.69
C VAL A 139 -21.25 -21.58 12.51
N ASN A 140 -21.71 -22.20 13.60
CA ASN A 140 -23.09 -22.62 13.73
C ASN A 140 -23.65 -22.04 15.02
N LYS A 141 -24.92 -22.36 15.29
CA LYS A 141 -25.61 -21.91 16.50
C LYS A 141 -24.80 -22.14 17.77
N ASP A 142 -23.89 -23.12 17.78
CA ASP A 142 -23.31 -23.62 19.01
C ASP A 142 -21.90 -23.11 19.28
N GLY A 143 -21.22 -22.60 18.28
CA GLY A 143 -19.83 -22.19 18.43
C GLY A 143 -19.17 -22.02 17.07
N LEU A 144 -17.84 -21.97 17.09
CA LEU A 144 -17.12 -21.68 15.87
C LEU A 144 -15.82 -22.48 15.83
N LEU A 145 -15.40 -22.83 14.62
CA LEU A 145 -14.11 -23.46 14.39
C LEU A 145 -12.98 -22.48 14.61
N VAL A 146 -11.88 -23.00 15.15
CA VAL A 146 -10.66 -22.23 15.31
C VAL A 146 -9.47 -23.12 14.99
N ALA A 147 -8.36 -22.47 14.64
CA ALA A 147 -7.10 -23.11 14.31
C ALA A 147 -7.28 -24.17 13.21
N ASN A 148 -7.67 -23.71 12.02
CA ASN A 148 -7.86 -24.56 10.85
C ASN A 148 -8.70 -25.79 11.16
N GLY A 149 -9.71 -25.60 12.01
CA GLY A 149 -10.62 -26.70 12.27
C GLY A 149 -10.15 -27.70 13.30
N SER A 150 -8.98 -27.50 13.91
CA SER A 150 -8.56 -28.40 14.98
C SER A 150 -9.30 -28.13 16.29
N GLY A 151 -9.80 -26.91 16.48
CA GLY A 151 -10.58 -26.58 17.67
C GLY A 151 -11.98 -26.10 17.37
N PHE A 152 -12.89 -26.23 18.34
CA PHE A 152 -14.23 -25.67 18.26
C PHE A 152 -14.56 -24.99 19.58
N VAL A 153 -14.77 -23.66 19.55
CA VAL A 153 -15.06 -22.88 20.76
C VAL A 153 -16.56 -22.67 20.86
N THR A 154 -17.11 -22.98 22.03
CA THR A 154 -18.57 -22.90 22.15
C THR A 154 -19.03 -21.46 22.36
N ARG A 155 -20.22 -21.20 21.87
CA ARG A 155 -20.83 -19.89 22.02
C ARG A 155 -21.17 -19.60 23.48
N GLU A 156 -21.50 -20.63 24.27
CA GLU A 156 -21.85 -20.39 25.67
C GLU A 156 -20.62 -20.02 26.50
N PHE A 157 -19.49 -20.68 26.24
CA PHE A 157 -18.24 -20.24 26.83
C PHE A 157 -17.96 -18.78 26.51
N LEU A 158 -18.11 -18.39 25.24
CA LEU A 158 -17.84 -17.01 24.86
C LEU A 158 -18.83 -16.05 25.50
N ARG A 159 -20.07 -16.49 25.75
CA ARG A 159 -21.02 -15.72 26.52
C ARG A 159 -20.63 -15.65 27.99
N SER A 160 -19.83 -16.60 28.47
CA SER A 160 -19.41 -16.61 29.86
C SER A 160 -18.27 -15.66 30.16
N LEU A 161 -17.61 -15.09 29.14
CA LEU A 161 -16.59 -14.09 29.41
C LEU A 161 -17.25 -12.83 29.94
N ARG A 162 -16.48 -12.03 30.66
CA ARG A 162 -17.08 -10.86 31.29
C ARG A 162 -17.33 -9.76 30.28
N LYS A 163 -18.38 -8.98 30.53
CA LYS A 163 -18.55 -7.74 29.80
C LYS A 163 -17.28 -6.90 29.93
N PRO A 164 -16.85 -6.19 28.87
CA PRO A 164 -17.47 -6.05 27.55
C PRO A 164 -17.07 -7.09 26.49
N PHE A 165 -16.33 -8.13 26.83
CA PHE A 165 -15.81 -9.01 25.78
C PHE A 165 -16.89 -9.91 25.18
N SER A 166 -17.71 -10.51 26.05
CA SER A 166 -18.87 -11.25 25.57
C SER A 166 -19.79 -10.37 24.74
N ASP A 167 -19.92 -9.10 25.13
CA ASP A 167 -20.73 -8.14 24.38
C ASP A 167 -20.23 -7.96 22.96
N ILE A 168 -18.90 -7.90 22.76
CA ILE A 168 -18.39 -7.72 21.41
C ILE A 168 -18.60 -8.98 20.58
N ILE A 169 -18.52 -10.15 21.21
CA ILE A 169 -18.51 -11.36 20.39
C ILE A 169 -19.92 -11.75 19.94
N GLU A 170 -20.92 -11.70 20.84
CA GLU A 170 -22.26 -12.23 20.52
C GLU A 170 -22.85 -11.72 19.20
N PRO A 171 -22.80 -10.42 18.88
CA PRO A 171 -23.44 -9.95 17.65
C PRO A 171 -22.92 -10.63 16.38
N LYS A 172 -21.65 -11.05 16.37
CA LYS A 172 -21.12 -11.76 15.20
C LYS A 172 -21.85 -13.08 15.00
N PHE A 173 -22.16 -13.77 16.10
CA PHE A 173 -22.98 -14.97 16.02
C PHE A 173 -24.37 -14.63 15.51
N GLU A 174 -24.99 -13.60 16.09
CA GLU A 174 -26.32 -13.21 15.64
C GLU A 174 -26.35 -12.97 14.14
N PHE A 175 -25.37 -12.21 13.61
CA PHE A 175 -25.30 -11.95 12.18
C PHE A 175 -25.06 -13.23 11.38
N ALA A 176 -24.04 -14.00 11.78
CA ALA A 176 -23.59 -15.16 11.01
C ALA A 176 -24.69 -16.20 10.87
N VAL A 177 -25.48 -16.43 11.93
CA VAL A 177 -26.49 -17.48 11.85
C VAL A 177 -27.54 -17.12 10.82
N LYS A 178 -27.94 -15.84 10.76
CA LYS A 178 -28.88 -15.41 9.73
C LYS A 178 -28.25 -15.43 8.34
N PHE A 179 -26.97 -15.07 8.24
CA PHE A 179 -26.30 -15.08 6.95
C PHE A 179 -26.16 -16.50 6.41
N ASN A 180 -25.97 -17.48 7.29
CA ASN A 180 -25.85 -18.87 6.84
C ASN A 180 -27.15 -19.39 6.27
N ALA A 181 -28.28 -18.77 6.59
CA ALA A 181 -29.57 -19.16 6.04
C ALA A 181 -29.72 -18.85 4.56
N LEU A 182 -28.78 -18.10 3.98
CA LEU A 182 -28.80 -17.85 2.54
C LEU A 182 -28.14 -18.98 1.74
N GLU A 183 -27.55 -19.96 2.42
CA GLU A 183 -26.95 -21.13 1.77
C GLU A 183 -26.02 -20.75 0.61
N LEU A 184 -25.20 -19.72 0.81
CA LEU A 184 -24.16 -19.43 -0.16
C LEU A 184 -23.05 -20.48 -0.08
N ASP A 185 -22.35 -20.65 -1.19
CA ASP A 185 -21.15 -21.48 -1.22
C ASP A 185 -19.91 -20.61 -1.48
N ASP A 186 -18.74 -21.24 -1.44
CA ASP A 186 -17.50 -20.49 -1.58
C ASP A 186 -17.47 -19.65 -2.86
N SER A 187 -18.01 -20.17 -3.96
CA SER A 187 -17.89 -19.43 -5.21
C SER A 187 -18.74 -18.15 -5.19
N ASP A 188 -19.90 -18.17 -4.53
CA ASP A 188 -20.62 -16.94 -4.25
C ASP A 188 -19.81 -16.01 -3.35
N LEU A 189 -19.22 -16.57 -2.29
CA LEU A 189 -18.58 -15.76 -1.27
C LEU A 189 -17.37 -15.02 -1.82
N ALA A 190 -16.66 -15.64 -2.78
CA ALA A 190 -15.53 -14.97 -3.40
C ALA A 190 -15.94 -13.63 -4.00
N LEU A 191 -17.00 -13.65 -4.82
CA LEU A 191 -17.49 -12.42 -5.43
C LEU A 191 -18.07 -11.46 -4.40
N PHE A 192 -18.79 -12.01 -3.41
CA PHE A 192 -19.37 -11.17 -2.37
C PHE A 192 -18.28 -10.36 -1.63
N ILE A 193 -17.22 -11.04 -1.20
CA ILE A 193 -16.21 -10.33 -0.42
C ILE A 193 -15.37 -9.44 -1.32
N ALA A 194 -15.14 -9.84 -2.58
CA ALA A 194 -14.50 -8.90 -3.52
C ALA A 194 -15.30 -7.60 -3.61
N ALA A 195 -16.63 -7.72 -3.68
CA ALA A 195 -17.47 -6.52 -3.77
C ALA A 195 -17.42 -5.71 -2.48
N ILE A 196 -17.31 -6.38 -1.33
CA ILE A 196 -17.19 -5.64 -0.08
C ILE A 196 -15.92 -4.79 -0.10
N ILE A 197 -14.81 -5.36 -0.59
CA ILE A 197 -13.54 -4.64 -0.53
C ILE A 197 -13.53 -3.46 -1.50
N LEU A 198 -14.06 -3.66 -2.71
CA LEU A 198 -14.08 -2.63 -3.75
C LEU A 198 -15.24 -1.66 -3.51
N CYS A 199 -15.20 -0.97 -2.37
CA CYS A 199 -16.22 0.01 -2.01
C CYS A 199 -15.75 1.42 -2.36
N GLY A 200 -16.52 2.11 -3.20
CA GLY A 200 -16.22 3.49 -3.53
C GLY A 200 -16.52 4.50 -2.44
N ASP A 201 -17.19 4.06 -1.38
CA ASP A 201 -17.70 4.90 -0.31
C ASP A 201 -16.67 5.14 0.78
N ARG A 202 -15.45 4.67 0.62
CA ARG A 202 -14.49 4.72 1.72
C ARG A 202 -13.91 6.12 1.84
N PRO A 203 -13.83 6.68 3.05
CA PRO A 203 -13.25 8.02 3.22
C PRO A 203 -11.80 8.05 2.75
N GLY A 204 -11.47 9.07 1.96
CA GLY A 204 -10.12 9.32 1.53
C GLY A 204 -9.72 8.61 0.25
N LEU A 205 -10.66 7.99 -0.45
CA LEU A 205 -10.34 7.34 -1.72
C LEU A 205 -10.00 8.39 -2.77
N MET A 206 -8.94 8.13 -3.52
CA MET A 206 -8.58 9.07 -4.58
C MET A 206 -9.39 8.82 -5.85
N ASN A 207 -9.28 7.62 -6.41
CA ASN A 207 -9.95 7.30 -7.68
C ASN A 207 -11.26 6.55 -7.40
N VAL A 208 -12.25 7.31 -6.94
CA VAL A 208 -13.59 6.73 -6.70
C VAL A 208 -14.18 6.09 -7.95
N PRO A 209 -14.21 6.74 -9.13
CA PRO A 209 -14.90 6.12 -10.27
C PRO A 209 -14.28 4.80 -10.72
N ARG A 210 -12.94 4.69 -10.66
CA ARG A 210 -12.31 3.42 -10.99
C ARG A 210 -12.80 2.31 -10.07
N VAL A 211 -12.80 2.57 -8.76
CA VAL A 211 -13.22 1.56 -7.79
C VAL A 211 -14.69 1.21 -8.00
N GLU A 212 -15.52 2.21 -8.31
CA GLU A 212 -16.94 1.93 -8.50
C GLU A 212 -17.20 1.11 -9.75
N ALA A 213 -16.41 1.34 -10.81
CA ALA A 213 -16.53 0.51 -12.00
C ALA A 213 -16.12 -0.92 -11.72
N ILE A 214 -15.02 -1.11 -11.00
CA ILE A 214 -14.60 -2.47 -10.65
C ILE A 214 -15.70 -3.16 -9.86
N GLN A 215 -16.29 -2.45 -8.89
CA GLN A 215 -17.33 -3.05 -8.08
C GLN A 215 -18.56 -3.40 -8.91
N ASP A 216 -18.92 -2.52 -9.86
CA ASP A 216 -19.99 -2.79 -10.82
C ASP A 216 -19.75 -4.12 -11.54
N THR A 217 -18.57 -4.28 -12.13
CA THR A 217 -18.22 -5.56 -12.75
C THR A 217 -18.44 -6.72 -11.77
N ILE A 218 -17.84 -6.63 -10.56
CA ILE A 218 -17.99 -7.70 -9.58
C ILE A 218 -19.46 -8.01 -9.31
N LEU A 219 -20.27 -6.97 -9.17
CA LEU A 219 -21.66 -7.18 -8.78
C LEU A 219 -22.48 -7.77 -9.92
N ARG A 220 -22.21 -7.35 -11.16
CA ARG A 220 -22.83 -7.98 -12.33
C ARG A 220 -22.45 -9.45 -12.42
N ALA A 221 -21.15 -9.74 -12.24
CA ALA A 221 -20.72 -11.13 -12.22
C ALA A 221 -21.42 -11.89 -11.10
N LEU A 222 -21.64 -11.25 -9.96
CA LEU A 222 -22.29 -11.92 -8.84
C LEU A 222 -23.73 -12.25 -9.17
N GLU A 223 -24.47 -11.29 -9.74
CA GLU A 223 -25.85 -11.57 -10.16
C GLU A 223 -25.91 -12.70 -11.17
N PHE A 224 -25.07 -12.64 -12.19
CA PHE A 224 -24.99 -13.72 -13.17
C PHE A 224 -24.71 -15.07 -12.49
N HIS A 225 -23.65 -15.12 -11.68
CA HIS A 225 -23.27 -16.35 -10.99
C HIS A 225 -24.40 -16.88 -10.11
N LEU A 226 -25.14 -15.98 -9.46
CA LEU A 226 -26.26 -16.39 -8.63
C LEU A 226 -27.40 -16.95 -9.47
N GLN A 227 -27.64 -16.37 -10.64
CA GLN A 227 -28.73 -16.87 -11.48
C GLN A 227 -28.41 -18.26 -11.99
N ALA A 228 -27.11 -18.51 -12.26
CA ALA A 228 -26.69 -19.86 -12.63
C ALA A 228 -26.74 -20.81 -11.45
N ASN A 229 -26.10 -20.43 -10.33
CA ASN A 229 -25.86 -21.34 -9.20
C ASN A 229 -27.11 -21.58 -8.36
N HIS A 230 -27.97 -20.57 -8.20
CA HIS A 230 -29.17 -20.69 -7.36
C HIS A 230 -30.41 -20.28 -8.16
N PRO A 231 -30.73 -21.04 -9.23
CA PRO A 231 -31.81 -20.60 -10.14
C PRO A 231 -33.15 -20.33 -9.45
N ASP A 232 -33.50 -21.15 -8.47
CA ASP A 232 -34.82 -21.10 -7.87
C ASP A 232 -34.91 -20.17 -6.66
N ALA A 233 -33.79 -19.77 -6.07
CA ALA A 233 -33.79 -18.80 -4.97
C ALA A 233 -33.76 -17.42 -5.60
N GLN A 234 -34.92 -16.77 -5.70
CA GLN A 234 -34.97 -15.61 -6.59
C GLN A 234 -34.46 -14.31 -5.96
N TYR A 235 -34.87 -13.95 -4.74
CA TYR A 235 -34.51 -12.61 -4.27
C TYR A 235 -33.14 -12.58 -3.63
N LEU A 236 -32.26 -13.52 -4.01
CA LEU A 236 -30.97 -13.65 -3.34
C LEU A 236 -30.10 -12.43 -3.56
N PHE A 237 -30.08 -11.90 -4.78
CA PHE A 237 -29.21 -10.77 -5.07
C PHE A 237 -29.57 -9.52 -4.26
N PRO A 238 -30.83 -9.06 -4.23
CA PRO A 238 -31.13 -7.89 -3.38
C PRO A 238 -30.83 -8.14 -1.93
N LYS A 239 -31.17 -9.33 -1.42
CA LYS A 239 -30.89 -9.67 -0.03
C LYS A 239 -29.42 -9.50 0.28
N LEU A 240 -28.55 -9.95 -0.64
CA LEU A 240 -27.13 -9.83 -0.41
C LEU A 240 -26.71 -8.37 -0.40
N LEU A 241 -27.32 -7.56 -1.27
CA LEU A 241 -27.08 -6.12 -1.21
C LEU A 241 -27.41 -5.59 0.16
N GLN A 242 -28.53 -6.05 0.72
CA GLN A 242 -28.89 -5.62 2.07
C GLN A 242 -27.88 -6.14 3.08
N LYS A 243 -27.38 -7.36 2.88
CA LYS A 243 -26.37 -7.89 3.79
C LYS A 243 -25.18 -6.95 3.86
N MET A 244 -24.75 -6.41 2.70
CA MET A 244 -23.62 -5.48 2.71
C MET A 244 -23.93 -4.30 3.61
N ALA A 245 -25.13 -3.73 3.46
CA ALA A 245 -25.50 -2.61 4.31
C ALA A 245 -25.52 -3.03 5.77
N ASP A 246 -26.07 -4.22 6.05
CA ASP A 246 -26.04 -4.74 7.42
C ASP A 246 -24.62 -4.83 7.94
N LEU A 247 -23.70 -5.31 7.10
CA LEU A 247 -22.33 -5.47 7.56
C LEU A 247 -21.76 -4.13 7.96
N ARG A 248 -22.07 -3.09 7.17
CA ARG A 248 -21.61 -1.74 7.50
C ARG A 248 -22.11 -1.35 8.89
N GLN A 249 -23.39 -1.63 9.16
CA GLN A 249 -23.92 -1.27 10.47
C GLN A 249 -23.27 -2.12 11.55
N LEU A 250 -23.03 -3.41 11.26
CA LEU A 250 -22.38 -4.25 12.27
C LEU A 250 -20.99 -3.71 12.59
N VAL A 251 -20.26 -3.25 11.57
CA VAL A 251 -18.91 -2.75 11.80
C VAL A 251 -18.98 -1.42 12.55
N THR A 252 -20.03 -0.63 12.33
CA THR A 252 -20.17 0.57 13.14
C THR A 252 -20.27 0.19 14.60
N GLU A 253 -21.16 -0.76 14.92
CA GLU A 253 -21.38 -1.11 16.31
C GLU A 253 -20.11 -1.70 16.91
N HIS A 254 -19.50 -2.65 16.20
CA HIS A 254 -18.25 -3.24 16.65
C HIS A 254 -17.26 -2.15 17.00
N ALA A 255 -17.11 -1.16 16.11
CA ALA A 255 -16.10 -0.13 16.33
C ALA A 255 -16.44 0.71 17.55
N GLN A 256 -17.73 0.99 17.74
CA GLN A 256 -18.16 1.67 18.96
C GLN A 256 -17.71 0.89 20.18
N MET A 257 -17.98 -0.43 20.17
CA MET A 257 -17.57 -1.25 21.30
C MET A 257 -16.06 -1.25 21.46
N MET A 258 -15.33 -1.25 20.34
CA MET A 258 -13.87 -1.22 20.44
C MET A 258 -13.42 0.04 21.15
N GLN A 259 -14.06 1.16 20.79
CA GLN A 259 -13.75 2.42 21.50
C GLN A 259 -13.94 2.20 23.00
N ARG A 260 -15.11 1.68 23.42
CA ARG A 260 -15.32 1.54 24.85
C ARG A 260 -14.28 0.60 25.47
N ILE A 261 -13.81 -0.40 24.71
CA ILE A 261 -12.69 -1.20 25.19
C ILE A 261 -11.50 -0.29 25.52
N LYS A 262 -11.12 0.58 24.57
CA LYS A 262 -9.89 1.34 24.77
C LYS A 262 -10.08 2.34 25.90
N LYS A 263 -11.30 2.83 26.08
CA LYS A 263 -11.57 3.75 27.18
C LYS A 263 -11.49 3.04 28.53
N THR A 264 -11.98 1.79 28.61
CA THR A 264 -12.30 1.23 29.93
C THR A 264 -11.55 -0.06 30.26
N GLU A 265 -10.61 -0.48 29.42
CA GLU A 265 -9.90 -1.74 29.60
C GLU A 265 -8.42 -1.48 29.37
N THR A 266 -7.91 -0.57 30.20
CA THR A 266 -6.57 -0.01 30.03
C THR A 266 -5.48 -1.08 30.05
N GLU A 267 -5.73 -2.22 30.68
CA GLU A 267 -4.77 -3.31 30.67
C GLU A 267 -4.89 -4.21 29.45
N THR A 268 -5.77 -3.89 28.49
CA THR A 268 -5.92 -4.65 27.25
C THR A 268 -5.17 -4.01 26.09
N SER A 269 -4.17 -4.72 25.56
CA SER A 269 -3.39 -4.29 24.40
C SER A 269 -4.10 -4.66 23.10
N LEU A 270 -3.81 -3.87 22.07
CA LEU A 270 -4.35 -4.07 20.72
C LEU A 270 -3.22 -4.27 19.73
N HIS A 271 -3.27 -5.37 18.98
CA HIS A 271 -2.29 -5.65 17.95
C HIS A 271 -2.07 -4.42 17.06
N PRO A 272 -0.83 -4.12 16.70
CA PRO A 272 -0.54 -2.86 15.97
C PRO A 272 -1.33 -2.68 14.68
N LEU A 273 -1.46 -3.72 13.87
CA LEU A 273 -2.27 -3.62 12.66
C LEU A 273 -3.72 -3.21 12.99
N LEU A 274 -4.31 -3.81 14.03
CA LEU A 274 -5.65 -3.43 14.43
C LEU A 274 -5.66 -2.02 15.00
N GLN A 275 -4.58 -1.64 15.68
CA GLN A 275 -4.43 -0.26 16.14
C GLN A 275 -4.47 0.71 14.96
N GLU A 276 -3.81 0.34 13.86
CA GLU A 276 -3.83 1.14 12.64
C GLU A 276 -5.24 1.24 12.06
N ILE A 277 -5.89 0.09 11.86
CA ILE A 277 -7.24 0.11 11.27
C ILE A 277 -8.17 0.98 12.09
N TYR A 278 -8.17 0.81 13.42
CA TYR A 278 -9.11 1.54 14.26
C TYR A 278 -8.74 3.00 14.51
N LYS A 279 -7.47 3.37 14.41
CA LYS A 279 -7.09 4.77 14.56
C LYS A 279 -7.72 5.60 13.45
N ASP A 280 -8.53 6.59 13.83
CA ASP A 280 -9.11 7.57 12.90
C ASP A 280 -10.16 6.96 11.97
N MET A 281 -10.73 5.81 12.33
CA MET A 281 -11.70 5.16 11.46
C MET A 281 -12.99 5.96 11.49
N TYR A 282 -13.34 6.57 10.35
CA TYR A 282 -14.48 7.49 10.23
C TYR A 282 -14.30 8.67 11.19
N ALA B 14 31.20 -10.02 -0.37
CA ALA B 14 30.29 -11.18 -0.29
C ALA B 14 29.03 -10.76 0.46
N ASP B 15 27.86 -11.24 0.03
CA ASP B 15 26.57 -10.88 0.69
C ASP B 15 26.28 -9.41 0.41
N LEU B 16 27.22 -8.53 0.72
CA LEU B 16 27.03 -7.10 0.39
C LEU B 16 27.28 -6.90 -1.11
N LYS B 17 28.25 -7.61 -1.69
CA LYS B 17 28.42 -7.56 -3.12
C LYS B 17 27.14 -8.03 -3.81
N ALA B 18 26.58 -9.14 -3.33
CA ALA B 18 25.34 -9.68 -3.89
C ALA B 18 24.19 -8.71 -3.68
N PHE B 19 24.07 -8.19 -2.46
CA PHE B 19 23.02 -7.23 -2.15
C PHE B 19 23.09 -6.02 -3.08
N SER B 20 24.28 -5.40 -3.17
CA SER B 20 24.49 -4.28 -4.09
C SER B 20 24.07 -4.62 -5.51
N LYS B 21 24.48 -5.80 -6.00
CA LYS B 21 24.17 -6.15 -7.38
C LYS B 21 22.66 -6.33 -7.58
N HIS B 22 21.98 -6.92 -6.60
CA HIS B 22 20.54 -7.09 -6.73
C HIS B 22 19.82 -5.74 -6.75
N ILE B 23 20.24 -4.82 -5.89
CA ILE B 23 19.63 -3.48 -5.90
C ILE B 23 19.91 -2.80 -7.24
N TYR B 24 21.15 -2.90 -7.71
CA TYR B 24 21.53 -2.29 -8.99
C TYR B 24 20.67 -2.82 -10.13
N ASN B 25 20.43 -4.12 -10.15
CA ASN B 25 19.62 -4.69 -11.21
C ASN B 25 18.17 -4.21 -11.12
N ALA B 26 17.65 -4.09 -9.90
CA ALA B 26 16.31 -3.48 -9.76
C ALA B 26 16.27 -2.07 -10.32
N TYR B 27 17.33 -1.31 -10.03
CA TYR B 27 17.45 0.05 -10.56
C TYR B 27 17.43 0.05 -12.08
N LEU B 28 18.26 -0.80 -12.68
CA LEU B 28 18.36 -0.87 -14.13
C LEU B 28 17.06 -1.35 -14.74
N LYS B 29 16.30 -2.17 -14.01
CA LYS B 29 15.06 -2.68 -14.57
C LYS B 29 13.94 -1.66 -14.48
N ASN B 30 14.06 -0.68 -13.58
CA ASN B 30 12.91 0.17 -13.31
C ASN B 30 13.03 1.61 -13.79
N PHE B 31 14.24 2.09 -14.03
CA PHE B 31 14.44 3.48 -14.46
C PHE B 31 14.96 3.48 -15.90
N ASN B 32 14.14 3.99 -16.82
CA ASN B 32 14.57 4.05 -18.22
C ASN B 32 15.75 4.98 -18.41
N MET B 33 15.81 6.06 -17.65
CA MET B 33 16.85 7.06 -17.80
C MET B 33 17.84 6.92 -16.65
N THR B 34 19.04 6.44 -16.96
CA THR B 34 20.12 6.32 -16.01
C THR B 34 21.07 7.50 -16.16
N LYS B 35 21.93 7.67 -15.16
CA LYS B 35 22.99 8.67 -15.27
C LYS B 35 23.93 8.34 -16.43
N LYS B 36 24.12 7.05 -16.72
CA LYS B 36 24.93 6.64 -17.86
C LYS B 36 24.37 7.18 -19.16
N LYS B 37 23.14 6.78 -19.50
CA LYS B 37 22.42 7.27 -20.67
C LYS B 37 22.40 8.80 -20.71
N ALA B 38 22.12 9.44 -19.56
CA ALA B 38 21.97 10.89 -19.53
C ALA B 38 23.28 11.59 -19.85
N ARG B 39 24.39 11.18 -19.22
CA ARG B 39 25.69 11.77 -19.54
C ARG B 39 26.06 11.50 -20.99
N SER B 40 25.75 10.30 -21.49
CA SER B 40 26.06 9.97 -22.88
C SER B 40 25.35 10.91 -23.84
N ILE B 41 24.12 11.29 -23.51
CA ILE B 41 23.41 12.25 -24.36
C ILE B 41 24.00 13.65 -24.19
N LEU B 42 24.29 14.06 -22.94
CA LEU B 42 24.67 15.44 -22.68
C LEU B 42 26.06 15.78 -23.23
N THR B 43 26.95 14.80 -23.34
CA THR B 43 28.27 15.04 -23.91
C THR B 43 28.31 14.87 -25.42
N GLY B 44 27.30 14.23 -26.00
CA GLY B 44 27.19 14.14 -27.44
C GLY B 44 27.85 12.94 -28.08
N LYS B 45 28.11 11.88 -27.33
CA LYS B 45 28.81 10.75 -27.93
C LYS B 45 27.86 9.71 -28.52
N ALA B 46 26.70 9.44 -27.90
CA ALA B 46 25.79 8.47 -28.48
C ALA B 46 24.68 9.04 -29.35
N SER B 47 24.49 10.36 -29.42
CA SER B 47 23.37 10.89 -30.18
C SER B 47 23.75 11.36 -31.58
N HIS B 48 24.76 12.24 -31.68
CA HIS B 48 25.20 12.87 -32.92
C HIS B 48 24.25 13.99 -33.36
N THR B 49 23.03 13.98 -32.85
CA THR B 49 22.14 15.12 -32.92
C THR B 49 21.55 15.29 -31.52
N ALA B 50 21.71 16.50 -30.98
CA ALA B 50 21.38 16.86 -29.61
C ALA B 50 19.89 16.71 -29.31
N PRO B 51 19.46 16.80 -28.05
CA PRO B 51 18.04 16.94 -27.76
C PRO B 51 17.55 18.32 -28.16
N PHE B 52 16.24 18.43 -28.37
CA PHE B 52 15.63 19.72 -28.68
C PHE B 52 15.68 20.63 -27.47
N VAL B 53 16.30 21.80 -27.62
CA VAL B 53 16.49 22.74 -26.52
C VAL B 53 15.25 23.63 -26.38
N ILE B 54 14.62 23.58 -25.21
CA ILE B 54 13.54 24.49 -24.84
C ILE B 54 14.16 25.60 -24.00
N HIS B 55 14.06 26.84 -24.50
CA HIS B 55 14.61 27.96 -23.73
C HIS B 55 13.75 29.21 -23.80
N ASP B 56 12.51 29.11 -24.27
CA ASP B 56 11.62 30.25 -24.43
C ASP B 56 10.27 29.75 -24.91
N ILE B 57 9.33 30.68 -24.96
CA ILE B 57 7.94 30.35 -25.26
C ILE B 57 7.84 29.65 -26.61
N GLU B 58 8.50 30.20 -27.62
CA GLU B 58 8.38 29.64 -28.97
C GLU B 58 8.84 28.19 -29.00
N THR B 59 10.05 27.91 -28.52
CA THR B 59 10.56 26.53 -28.54
C THR B 59 9.74 25.59 -27.66
N LEU B 60 9.19 26.10 -26.56
CA LEU B 60 8.27 25.27 -25.77
C LEU B 60 7.06 24.87 -26.60
N TRP B 61 6.46 25.84 -27.29
CA TRP B 61 5.30 25.55 -28.12
C TRP B 61 5.64 24.54 -29.20
N GLN B 62 6.78 24.73 -29.86
CA GLN B 62 7.26 23.75 -30.85
C GLN B 62 7.40 22.37 -30.22
N ALA B 63 8.03 22.30 -29.04
CA ALA B 63 8.24 21.03 -28.37
C ALA B 63 6.94 20.32 -28.07
N GLU B 64 5.87 21.08 -27.79
CA GLU B 64 4.61 20.43 -27.47
C GLU B 64 3.84 19.98 -28.69
N LYS B 65 4.22 20.44 -29.88
CA LYS B 65 3.62 19.90 -31.09
C LYS B 65 4.62 19.02 -31.86
N GLY B 66 5.04 17.91 -31.25
CA GLY B 66 5.73 16.87 -31.97
C GLY B 66 7.20 16.68 -31.65
N LEU B 67 7.95 17.78 -31.54
CA LEU B 67 9.40 17.69 -31.43
C LEU B 67 9.83 16.91 -30.19
N VAL B 68 9.17 17.15 -29.06
CA VAL B 68 9.50 16.51 -27.79
C VAL B 68 8.34 15.64 -27.30
N TRP B 69 7.14 16.19 -27.28
CA TRP B 69 5.91 15.46 -26.95
C TRP B 69 5.06 15.38 -28.21
N LYS B 70 4.77 14.16 -28.66
CA LYS B 70 4.38 13.87 -30.03
C LYS B 70 2.88 13.60 -30.18
N GLN B 71 2.04 14.36 -29.48
CA GLN B 71 0.60 14.18 -29.53
C GLN B 71 -0.06 15.51 -29.84
N LEU B 72 -1.29 15.46 -30.37
CA LEU B 72 -1.89 16.70 -30.86
C LEU B 72 -2.73 17.43 -29.82
N VAL B 73 -3.14 16.79 -28.71
CA VAL B 73 -3.53 17.54 -27.52
C VAL B 73 -2.88 16.89 -26.30
N ASN B 74 -2.26 17.72 -25.46
CA ASN B 74 -1.29 17.37 -24.43
C ASN B 74 -1.81 16.46 -23.33
N GLY B 75 -3.13 16.38 -23.12
CA GLY B 75 -3.68 15.63 -21.99
C GLY B 75 -3.26 16.13 -20.61
N LEU B 76 -2.81 17.38 -20.50
CA LEU B 76 -2.60 18.06 -19.24
C LEU B 76 -3.79 18.97 -18.94
N PRO B 77 -3.93 19.45 -17.71
CA PRO B 77 -5.06 20.32 -17.38
C PRO B 77 -5.09 21.57 -18.25
N PRO B 78 -6.23 22.23 -18.35
CA PRO B 78 -6.28 23.54 -19.00
C PRO B 78 -5.39 24.52 -18.26
N TYR B 79 -4.53 25.20 -19.00
CA TYR B 79 -3.57 26.15 -18.47
C TYR B 79 -3.93 27.54 -18.95
N LYS B 80 -3.67 28.55 -18.13
CA LYS B 80 -3.88 29.91 -18.60
C LYS B 80 -2.62 30.74 -18.72
N GLU B 81 -1.44 30.19 -18.46
CA GLU B 81 -0.21 30.95 -18.66
C GLU B 81 0.98 30.00 -18.70
N ILE B 82 2.12 30.56 -19.13
CA ILE B 82 3.33 29.79 -19.40
C ILE B 82 3.83 29.08 -18.15
N SER B 83 3.94 29.83 -17.04
CA SER B 83 4.55 29.29 -15.82
C SER B 83 3.79 28.07 -15.34
N VAL B 84 2.46 28.15 -15.31
CA VAL B 84 1.64 27.05 -14.85
C VAL B 84 1.78 25.85 -15.79
N HIS B 85 1.87 26.11 -17.10
CA HIS B 85 2.10 25.05 -18.06
C HIS B 85 3.38 24.26 -17.73
N VAL B 86 4.46 24.98 -17.43
CA VAL B 86 5.72 24.32 -17.08
C VAL B 86 5.57 23.56 -15.77
N PHE B 87 4.87 24.16 -14.79
CA PHE B 87 4.57 23.48 -13.53
C PHE B 87 3.86 22.15 -13.77
N TYR B 88 2.93 22.12 -14.71
CA TYR B 88 2.24 20.87 -15.04
C TYR B 88 3.18 19.85 -15.66
N ARG B 89 4.10 20.31 -16.50
CA ARG B 89 5.14 19.42 -17.02
C ARG B 89 5.97 18.82 -15.89
N CYS B 90 6.33 19.64 -14.91
CA CYS B 90 7.04 19.14 -13.73
C CYS B 90 6.23 18.07 -13.04
N GLN B 91 4.94 18.30 -12.88
CA GLN B 91 4.07 17.30 -12.25
C GLN B 91 4.10 16.00 -13.03
N CYS B 92 4.04 16.07 -14.36
CA CYS B 92 4.05 14.85 -15.16
C CYS B 92 5.31 14.05 -14.94
N THR B 93 6.47 14.72 -15.05
CA THR B 93 7.73 14.04 -14.81
C THR B 93 7.75 13.39 -13.43
N THR B 94 7.33 14.15 -12.41
CA THR B 94 7.39 13.68 -11.04
C THR B 94 6.51 12.47 -10.84
N VAL B 95 5.30 12.51 -11.40
CA VAL B 95 4.39 11.39 -11.22
C VAL B 95 5.00 10.13 -11.80
N GLU B 96 5.59 10.23 -13.00
CA GLU B 96 6.15 9.01 -13.58
C GLU B 96 7.40 8.55 -12.82
N THR B 97 8.15 9.49 -12.24
CA THR B 97 9.27 9.06 -11.39
C THR B 97 8.78 8.36 -10.14
N VAL B 98 7.67 8.82 -9.56
CA VAL B 98 7.11 8.15 -8.39
C VAL B 98 6.72 6.73 -8.75
N ARG B 99 6.13 6.58 -9.92
CA ARG B 99 5.63 5.29 -10.39
C ARG B 99 6.82 4.32 -10.46
N GLU B 100 7.91 4.80 -11.08
CA GLU B 100 9.14 4.01 -11.19
C GLU B 100 9.75 3.71 -9.81
N LEU B 101 9.72 4.68 -8.91
CA LEU B 101 10.27 4.49 -7.57
C LEU B 101 9.49 3.44 -6.78
N THR B 102 8.16 3.42 -6.90
CA THR B 102 7.38 2.39 -6.22
C THR B 102 7.70 1.01 -6.78
N GLU B 103 7.78 0.90 -8.11
CA GLU B 103 8.13 -0.38 -8.71
C GLU B 103 9.53 -0.83 -8.29
N PHE B 104 10.46 0.12 -8.17
CA PHE B 104 11.81 -0.18 -7.71
C PHE B 104 11.79 -0.64 -6.26
N ALA B 105 10.97 0.00 -5.43
CA ALA B 105 10.88 -0.38 -4.03
C ALA B 105 10.39 -1.82 -3.89
N LYS B 106 9.52 -2.27 -4.80
CA LYS B 106 9.03 -3.64 -4.71
C LYS B 106 10.16 -4.66 -4.80
N SER B 107 11.27 -4.32 -5.47
CA SER B 107 12.39 -5.26 -5.59
C SER B 107 13.42 -5.11 -4.49
N ILE B 108 13.22 -4.21 -3.54
CA ILE B 108 14.16 -4.12 -2.42
C ILE B 108 13.91 -5.28 -1.46
N PRO B 109 14.95 -6.01 -1.04
CA PRO B 109 14.77 -7.12 -0.09
C PRO B 109 14.07 -6.67 1.19
N SER B 110 12.92 -7.29 1.47
CA SER B 110 12.11 -7.13 2.67
C SER B 110 11.23 -5.89 2.62
N PHE B 111 11.32 -5.05 1.58
CA PHE B 111 10.36 -3.96 1.45
C PHE B 111 8.95 -4.53 1.30
N SER B 112 8.77 -5.43 0.33
CA SER B 112 7.46 -6.03 0.09
C SER B 112 6.95 -6.80 1.30
N SER B 113 7.82 -7.14 2.24
CA SER B 113 7.41 -7.91 3.40
C SER B 113 6.97 -7.04 4.58
N LEU B 114 7.09 -5.72 4.45
CA LEU B 114 6.52 -4.81 5.44
C LEU B 114 5.00 -4.76 5.30
N PHE B 115 4.35 -4.24 6.34
CA PHE B 115 2.95 -3.89 6.25
C PHE B 115 2.71 -2.95 5.07
N LEU B 116 1.59 -3.17 4.36
CA LEU B 116 1.22 -2.31 3.24
C LEU B 116 1.18 -0.84 3.65
N ASN B 117 0.60 -0.55 4.82
CA ASN B 117 0.55 0.80 5.34
C ASN B 117 1.93 1.41 5.48
N ASP B 118 2.91 0.61 5.93
CA ASP B 118 4.27 1.12 6.10
C ASP B 118 4.93 1.37 4.75
N GLN B 119 4.70 0.50 3.77
CA GLN B 119 5.15 0.74 2.41
C GLN B 119 4.65 2.08 1.90
N VAL B 120 3.34 2.34 2.09
CA VAL B 120 2.75 3.60 1.66
C VAL B 120 3.38 4.78 2.39
N THR B 121 3.59 4.65 3.70
CA THR B 121 4.21 5.72 4.47
C THR B 121 5.62 6.03 3.95
N LEU B 122 6.43 4.98 3.76
CA LEU B 122 7.80 5.14 3.31
C LEU B 122 7.85 5.85 1.97
N LEU B 123 6.99 5.42 1.03
CA LEU B 123 6.99 6.04 -0.28
C LEU B 123 6.50 7.49 -0.19
N LYS B 124 5.40 7.72 0.54
CA LYS B 124 4.88 9.07 0.72
C LYS B 124 5.96 10.05 1.16
N TYR B 125 6.75 9.67 2.15
CA TYR B 125 7.71 10.61 2.73
C TYR B 125 9.11 10.51 2.13
N GLY B 126 9.35 9.55 1.23
CA GLY B 126 10.68 9.39 0.68
C GLY B 126 10.81 9.74 -0.79
N VAL B 127 9.72 9.63 -1.58
CA VAL B 127 9.87 9.75 -3.03
C VAL B 127 10.45 11.11 -3.42
N HIS B 128 10.11 12.17 -2.69
CA HIS B 128 10.62 13.47 -3.10
C HIS B 128 12.12 13.58 -2.86
N GLU B 129 12.58 13.13 -1.69
CA GLU B 129 14.01 13.03 -1.44
C GLU B 129 14.70 12.22 -2.53
N ALA B 130 14.11 11.09 -2.91
CA ALA B 130 14.72 10.26 -3.95
C ALA B 130 14.71 10.98 -5.30
N ILE B 131 13.60 11.65 -5.62
CA ILE B 131 13.49 12.35 -6.89
C ILE B 131 14.54 13.44 -6.98
N PHE B 132 14.74 14.18 -5.90
CA PHE B 132 15.74 15.26 -5.90
C PHE B 132 17.15 14.69 -6.01
N ALA B 133 17.42 13.56 -5.35
CA ALA B 133 18.71 12.90 -5.54
C ALA B 133 18.91 12.50 -7.00
N MET B 134 17.92 11.85 -7.62
CA MET B 134 18.09 11.33 -8.97
C MET B 134 18.09 12.39 -10.03
N LEU B 135 17.53 13.58 -9.73
CA LEU B 135 17.52 14.69 -10.69
C LEU B 135 18.93 15.03 -11.16
N ALA B 136 19.91 15.00 -10.25
CA ALA B 136 21.28 15.37 -10.59
C ALA B 136 21.82 14.54 -11.74
N SER B 137 21.30 13.34 -11.96
CA SER B 137 21.76 12.52 -13.06
C SER B 137 21.40 13.11 -14.42
N ILE B 138 20.37 13.95 -14.49
CA ILE B 138 19.86 14.48 -15.75
C ILE B 138 19.98 16.01 -15.79
N VAL B 139 20.82 16.57 -14.92
CA VAL B 139 20.97 18.00 -14.76
C VAL B 139 22.44 18.36 -14.95
N ASN B 140 22.70 19.46 -15.65
CA ASN B 140 23.99 20.13 -15.55
C ASN B 140 23.76 21.60 -15.23
N LYS B 141 24.87 22.33 -15.14
CA LYS B 141 24.84 23.76 -14.83
C LYS B 141 23.80 24.52 -15.63
N ASP B 142 23.48 24.05 -16.84
CA ASP B 142 22.75 24.82 -17.82
C ASP B 142 21.28 24.41 -17.98
N GLY B 143 20.89 23.23 -17.49
CA GLY B 143 19.54 22.77 -17.70
C GLY B 143 19.39 21.30 -17.39
N LEU B 144 18.28 20.72 -17.86
CA LEU B 144 17.95 19.34 -17.54
C LEU B 144 17.30 18.61 -18.72
N LEU B 145 17.56 17.31 -18.77
CA LEU B 145 16.92 16.43 -19.74
C LEU B 145 15.46 16.20 -19.37
N VAL B 146 14.60 16.12 -20.39
CA VAL B 146 13.19 15.81 -20.20
C VAL B 146 12.75 14.97 -21.38
N ALA B 147 11.67 14.21 -21.17
CA ALA B 147 11.08 13.28 -22.15
C ALA B 147 12.10 12.25 -22.64
N ASN B 148 12.61 11.48 -21.66
CA ASN B 148 13.62 10.46 -21.88
C ASN B 148 14.76 10.97 -22.76
N GLY B 149 15.16 12.22 -22.54
CA GLY B 149 16.31 12.82 -23.20
C GLY B 149 16.05 13.39 -24.57
N SER B 150 14.81 13.35 -25.07
CA SER B 150 14.50 13.99 -26.34
C SER B 150 14.45 15.51 -26.22
N GLY B 151 14.22 16.04 -25.02
CA GLY B 151 14.26 17.48 -24.81
C GLY B 151 15.28 17.91 -23.77
N PHE B 152 15.74 19.16 -23.85
CA PHE B 152 16.62 19.74 -22.84
C PHE B 152 16.11 21.14 -22.51
N VAL B 153 15.68 21.35 -21.27
CA VAL B 153 15.12 22.64 -20.86
C VAL B 153 16.21 23.42 -20.15
N THR B 154 16.40 24.67 -20.53
CA THR B 154 17.51 25.43 -19.96
C THR B 154 17.17 25.95 -18.57
N ARG B 155 18.20 26.11 -17.76
CA ARG B 155 18.06 26.67 -16.42
C ARG B 155 17.70 28.14 -16.48
N GLU B 156 18.15 28.86 -17.52
CA GLU B 156 17.83 30.28 -17.61
C GLU B 156 16.35 30.49 -17.89
N PHE B 157 15.78 29.68 -18.80
CA PHE B 157 14.33 29.67 -19.01
C PHE B 157 13.57 29.43 -17.72
N LEU B 158 13.96 28.40 -16.96
CA LEU B 158 13.24 28.10 -15.74
C LEU B 158 13.41 29.21 -14.71
N ARG B 159 14.56 29.88 -14.69
CA ARG B 159 14.72 31.04 -13.82
C ARG B 159 13.87 32.22 -14.27
N SER B 160 13.50 32.25 -15.55
CA SER B 160 12.72 33.34 -16.11
C SER B 160 11.23 33.23 -15.85
N LEU B 161 10.76 32.10 -15.33
CA LEU B 161 9.35 31.98 -14.98
C LEU B 161 9.01 32.91 -13.83
N ARG B 162 7.74 33.28 -13.74
CA ARG B 162 7.37 34.25 -12.72
C ARG B 162 7.41 33.60 -11.35
N LYS B 163 7.74 34.40 -10.34
CA LYS B 163 7.52 33.97 -8.97
C LYS B 163 6.08 33.49 -8.83
N PRO B 164 5.82 32.46 -8.03
CA PRO B 164 6.78 31.72 -7.21
C PRO B 164 7.36 30.45 -7.86
N PHE B 165 7.07 30.21 -9.14
CA PHE B 165 7.42 28.93 -9.75
C PHE B 165 8.92 28.80 -10.00
N SER B 166 9.55 29.87 -10.50
CA SER B 166 11.01 29.89 -10.61
C SER B 166 11.65 29.67 -9.25
N ASP B 167 11.03 30.23 -8.20
CA ASP B 167 11.53 30.05 -6.85
C ASP B 167 11.58 28.57 -6.46
N ILE B 168 10.56 27.80 -6.84
CA ILE B 168 10.56 26.38 -6.48
C ILE B 168 11.58 25.63 -7.31
N ILE B 169 11.79 26.04 -8.57
CA ILE B 169 12.63 25.20 -9.41
C ILE B 169 14.10 25.38 -9.08
N GLU B 170 14.56 26.62 -8.84
CA GLU B 170 15.99 26.87 -8.69
C GLU B 170 16.71 26.00 -7.63
N PRO B 171 16.18 25.84 -6.41
CA PRO B 171 16.95 25.10 -5.39
C PRO B 171 17.31 23.70 -5.80
N LYS B 172 16.47 23.06 -6.63
CA LYS B 172 16.81 21.73 -7.11
C LYS B 172 18.05 21.76 -7.98
N PHE B 173 18.20 22.81 -8.80
CA PHE B 173 19.43 22.97 -9.58
C PHE B 173 20.63 23.17 -8.66
N GLU B 174 20.51 24.07 -7.69
CA GLU B 174 21.63 24.28 -6.77
C GLU B 174 22.09 22.97 -6.14
N PHE B 175 21.14 22.22 -5.56
CA PHE B 175 21.47 20.96 -4.92
C PHE B 175 22.09 19.99 -5.91
N ALA B 176 21.45 19.83 -7.08
CA ALA B 176 21.92 18.84 -8.03
C ALA B 176 23.33 19.12 -8.47
N VAL B 177 23.66 20.39 -8.69
CA VAL B 177 25.00 20.76 -9.16
C VAL B 177 26.03 20.42 -8.10
N LYS B 178 25.71 20.69 -6.83
CA LYS B 178 26.65 20.32 -5.76
C LYS B 178 26.75 18.80 -5.59
N PHE B 179 25.63 18.10 -5.74
CA PHE B 179 25.60 16.64 -5.61
C PHE B 179 26.39 15.95 -6.71
N ASN B 180 26.38 16.50 -7.92
CA ASN B 180 27.09 15.89 -9.03
C ASN B 180 28.59 15.94 -8.82
N ALA B 181 29.09 16.81 -7.94
CA ALA B 181 30.52 16.88 -7.68
C ALA B 181 31.04 15.66 -6.92
N LEU B 182 30.16 14.81 -6.38
CA LEU B 182 30.58 13.56 -5.75
C LEU B 182 30.76 12.44 -6.76
N GLU B 183 30.38 12.68 -8.02
CA GLU B 183 30.61 11.78 -9.15
C GLU B 183 30.26 10.31 -8.86
N LEU B 184 29.12 10.11 -8.22
CA LEU B 184 28.62 8.75 -8.09
C LEU B 184 28.15 8.22 -9.44
N ASP B 185 28.10 6.90 -9.55
CA ASP B 185 27.51 6.28 -10.73
C ASP B 185 26.20 5.59 -10.35
N ASP B 186 25.55 5.02 -11.37
CA ASP B 186 24.24 4.40 -11.19
C ASP B 186 24.25 3.36 -10.08
N SER B 187 25.31 2.55 -9.98
CA SER B 187 25.32 1.48 -8.99
C SER B 187 25.41 2.02 -7.57
N ASP B 188 26.12 3.14 -7.36
CA ASP B 188 26.04 3.85 -6.08
C ASP B 188 24.63 4.37 -5.82
N LEU B 189 24.05 5.02 -6.83
CA LEU B 189 22.77 5.71 -6.64
C LEU B 189 21.65 4.73 -6.34
N ALA B 190 21.72 3.52 -6.88
CA ALA B 190 20.71 2.52 -6.55
C ALA B 190 20.63 2.32 -5.04
N LEU B 191 21.78 2.08 -4.40
CA LEU B 191 21.80 1.87 -2.96
C LEU B 191 21.43 3.15 -2.23
N PHE B 192 21.90 4.29 -2.73
CA PHE B 192 21.57 5.56 -2.09
C PHE B 192 20.06 5.78 -2.01
N ILE B 193 19.34 5.54 -3.13
CA ILE B 193 17.91 5.85 -3.12
C ILE B 193 17.12 4.77 -2.38
N ALA B 194 17.54 3.51 -2.46
CA ALA B 194 16.93 2.50 -1.60
C ALA B 194 17.04 2.90 -0.14
N ALA B 195 18.19 3.43 0.27
CA ALA B 195 18.37 3.83 1.67
C ALA B 195 17.51 5.04 1.99
N ILE B 196 17.31 5.93 1.01
CA ILE B 196 16.43 7.08 1.23
C ILE B 196 15.02 6.59 1.54
N ILE B 197 14.55 5.56 0.82
CA ILE B 197 13.19 5.10 1.00
C ILE B 197 13.02 4.39 2.35
N LEU B 198 13.99 3.54 2.71
CA LEU B 198 13.90 2.77 3.95
C LEU B 198 14.35 3.59 5.15
N CYS B 199 13.66 4.70 5.37
CA CYS B 199 13.99 5.60 6.47
C CYS B 199 13.09 5.33 7.66
N GLY B 200 13.69 5.04 8.82
CA GLY B 200 12.93 4.79 10.04
C GLY B 200 12.32 6.01 10.69
N ASP B 201 12.64 7.20 10.20
CA ASP B 201 12.24 8.47 10.79
C ASP B 201 10.91 8.98 10.27
N ARG B 202 10.19 8.17 9.51
CA ARG B 202 8.99 8.66 8.82
C ARG B 202 7.80 8.73 9.77
N PRO B 203 7.04 9.82 9.75
CA PRO B 203 5.87 9.94 10.62
C PRO B 203 4.87 8.81 10.38
N GLY B 204 4.46 8.17 11.47
CA GLY B 204 3.41 7.19 11.41
C GLY B 204 3.85 5.79 11.08
N LEU B 205 5.16 5.55 11.02
CA LEU B 205 5.67 4.22 10.75
C LEU B 205 5.34 3.30 11.91
N MET B 206 4.86 2.09 11.59
CA MET B 206 4.55 1.11 12.62
C MET B 206 5.79 0.32 13.05
N ASN B 207 6.43 -0.39 12.12
CA ASN B 207 7.56 -1.26 12.45
C ASN B 207 8.89 -0.54 12.19
N VAL B 208 9.19 0.41 13.09
CA VAL B 208 10.46 1.14 12.99
C VAL B 208 11.66 0.22 13.02
N PRO B 209 11.81 -0.72 13.96
CA PRO B 209 13.04 -1.52 14.01
C PRO B 209 13.30 -2.32 12.75
N ARG B 210 12.26 -2.90 12.15
CA ARG B 210 12.45 -3.63 10.90
C ARG B 210 13.01 -2.72 9.81
N VAL B 211 12.41 -1.54 9.62
CA VAL B 211 12.86 -0.62 8.58
C VAL B 211 14.29 -0.16 8.86
N GLU B 212 14.62 0.05 10.14
CA GLU B 212 15.96 0.49 10.48
C GLU B 212 16.98 -0.61 10.21
N ALA B 213 16.61 -1.87 10.45
CA ALA B 213 17.50 -2.97 10.13
C ALA B 213 17.73 -3.08 8.62
N ILE B 214 16.67 -2.93 7.83
CA ILE B 214 16.84 -2.94 6.38
C ILE B 214 17.76 -1.81 5.94
N GLN B 215 17.53 -0.60 6.47
CA GLN B 215 18.39 0.51 6.11
C GLN B 215 19.82 0.26 6.55
N ASP B 216 19.98 -0.36 7.71
CA ASP B 216 21.26 -0.82 8.20
C ASP B 216 21.99 -1.62 7.13
N THR B 217 21.34 -2.68 6.64
CA THR B 217 21.93 -3.49 5.57
C THR B 217 22.27 -2.67 4.33
N ILE B 218 21.31 -1.90 3.82
CA ILE B 218 21.56 -1.09 2.60
C ILE B 218 22.79 -0.21 2.79
N LEU B 219 22.89 0.45 3.94
CA LEU B 219 24.00 1.38 4.15
C LEU B 219 25.33 0.66 4.29
N ARG B 220 25.34 -0.50 4.97
CA ARG B 220 26.57 -1.30 4.99
C ARG B 220 26.98 -1.69 3.59
N ALA B 221 26.02 -2.15 2.78
CA ALA B 221 26.31 -2.48 1.39
C ALA B 221 26.84 -1.26 0.64
N LEU B 222 26.30 -0.07 0.94
CA LEU B 222 26.74 1.14 0.24
C LEU B 222 28.18 1.50 0.61
N GLU B 223 28.53 1.41 1.91
CA GLU B 223 29.91 1.63 2.34
C GLU B 223 30.87 0.67 1.63
N PHE B 224 30.54 -0.63 1.64
CA PHE B 224 31.31 -1.63 0.90
C PHE B 224 31.45 -1.26 -0.58
N HIS B 225 30.30 -1.03 -1.23
CA HIS B 225 30.28 -0.75 -2.65
C HIS B 225 31.12 0.48 -3.00
N LEU B 226 31.07 1.51 -2.16
CA LEU B 226 31.84 2.72 -2.42
C LEU B 226 33.33 2.48 -2.29
N GLN B 227 33.78 1.67 -1.31
CA GLN B 227 35.24 1.48 -1.24
C GLN B 227 35.73 0.68 -2.43
N ALA B 228 34.90 -0.24 -2.91
CA ALA B 228 35.29 -1.00 -4.09
C ALA B 228 35.35 -0.08 -5.32
N ASN B 229 34.26 0.67 -5.55
CA ASN B 229 34.08 1.42 -6.78
C ASN B 229 34.94 2.69 -6.83
N HIS B 230 35.14 3.35 -5.70
CA HIS B 230 35.87 4.62 -5.64
C HIS B 230 37.00 4.51 -4.63
N PRO B 231 38.01 3.68 -4.92
CA PRO B 231 39.06 3.41 -3.92
C PRO B 231 39.70 4.67 -3.35
N ASP B 232 39.85 5.71 -4.16
CA ASP B 232 40.61 6.87 -3.74
C ASP B 232 39.78 7.91 -3.00
N ALA B 233 38.46 7.87 -3.12
CA ALA B 233 37.55 8.79 -2.41
C ALA B 233 37.27 8.20 -1.03
N GLN B 234 37.95 8.72 -0.01
CA GLN B 234 37.94 8.00 1.25
C GLN B 234 36.69 8.37 2.04
N TYR B 235 36.37 9.66 2.06
CA TYR B 235 35.29 10.21 2.86
C TYR B 235 33.98 10.33 2.08
N LEU B 236 33.81 9.55 1.01
CA LEU B 236 32.60 9.65 0.20
C LEU B 236 31.39 9.22 0.99
N PHE B 237 31.52 8.17 1.80
CA PHE B 237 30.39 7.65 2.55
C PHE B 237 29.80 8.64 3.55
N PRO B 238 30.58 9.29 4.44
CA PRO B 238 29.93 10.25 5.37
C PRO B 238 29.26 11.40 4.64
N LYS B 239 29.90 11.95 3.60
CA LYS B 239 29.29 13.03 2.85
C LYS B 239 27.94 12.62 2.30
N LEU B 240 27.82 11.38 1.85
CA LEU B 240 26.55 10.92 1.30
C LEU B 240 25.49 10.87 2.39
N LEU B 241 25.86 10.40 3.57
CA LEU B 241 24.91 10.45 4.68
C LEU B 241 24.47 11.86 4.95
N GLN B 242 25.41 12.81 4.87
CA GLN B 242 25.05 14.21 5.06
C GLN B 242 24.14 14.67 3.94
N LYS B 243 24.40 14.19 2.71
CA LYS B 243 23.53 14.48 1.59
C LYS B 243 22.09 14.09 1.91
N MET B 244 21.91 12.93 2.56
CA MET B 244 20.56 12.53 2.94
C MET B 244 19.92 13.57 3.84
N ALA B 245 20.66 14.03 4.84
CA ALA B 245 20.13 15.06 5.72
C ALA B 245 19.84 16.31 4.92
N ASP B 246 20.76 16.70 4.02
CA ASP B 246 20.51 17.85 3.17
C ASP B 246 19.20 17.68 2.42
N LEU B 247 18.97 16.49 1.88
CA LEU B 247 17.78 16.25 1.08
C LEU B 247 16.53 16.48 1.91
N ARG B 248 16.57 16.00 3.17
CA ARG B 248 15.41 16.19 4.02
C ARG B 248 15.07 17.67 4.13
N GLN B 249 16.08 18.51 4.40
CA GLN B 249 15.78 19.93 4.52
C GLN B 249 15.36 20.54 3.20
N LEU B 250 15.97 20.12 2.09
CA LEU B 250 15.54 20.68 0.83
C LEU B 250 14.06 20.36 0.61
N VAL B 251 13.63 19.16 1.01
CA VAL B 251 12.23 18.80 0.82
C VAL B 251 11.36 19.64 1.74
N THR B 252 11.84 19.92 2.97
CA THR B 252 11.10 20.80 3.86
C THR B 252 10.83 22.14 3.17
N GLU B 253 11.89 22.73 2.60
CA GLU B 253 11.70 24.02 1.94
C GLU B 253 10.72 23.88 0.79
N HIS B 254 10.91 22.83 -0.03
CA HIS B 254 9.99 22.58 -1.13
C HIS B 254 8.56 22.57 -0.63
N ALA B 255 8.32 21.85 0.47
CA ALA B 255 6.96 21.68 0.94
C ALA B 255 6.38 23.03 1.36
N GLN B 256 7.20 23.86 2.00
CA GLN B 256 6.75 25.20 2.34
C GLN B 256 6.28 25.94 1.09
N MET B 257 7.11 25.95 0.04
CA MET B 257 6.71 26.66 -1.16
C MET B 257 5.44 26.05 -1.74
N MET B 258 5.31 24.72 -1.65
CA MET B 258 4.11 24.09 -2.19
C MET B 258 2.89 24.59 -1.45
N GLN B 259 2.98 24.69 -0.11
CA GLN B 259 1.89 25.26 0.68
C GLN B 259 1.51 26.62 0.12
N ARG B 260 2.52 27.47 -0.12
CA ARG B 260 2.24 28.81 -0.59
C ARG B 260 1.53 28.77 -1.93
N ILE B 261 1.96 27.87 -2.82
CA ILE B 261 1.28 27.71 -4.11
C ILE B 261 -0.19 27.43 -3.88
N LYS B 262 -0.50 26.43 -3.02
CA LYS B 262 -1.88 25.98 -2.86
C LYS B 262 -2.68 27.12 -2.29
N LYS B 263 -2.02 27.98 -1.50
CA LYS B 263 -2.71 29.16 -0.97
C LYS B 263 -2.94 30.23 -2.01
N THR B 264 -1.98 30.46 -2.88
CA THR B 264 -1.96 31.72 -3.58
C THR B 264 -2.05 31.59 -5.10
N GLU B 265 -2.26 30.37 -5.60
CA GLU B 265 -2.34 30.09 -7.03
C GLU B 265 -3.54 29.18 -7.29
N THR B 266 -4.72 29.65 -6.87
CA THR B 266 -5.82 28.75 -6.55
C THR B 266 -6.28 27.85 -7.70
N GLU B 267 -6.27 28.31 -8.95
CA GLU B 267 -6.59 27.31 -9.97
C GLU B 267 -5.38 26.80 -10.74
N THR B 268 -4.25 26.74 -10.06
CA THR B 268 -3.16 25.88 -10.49
C THR B 268 -3.55 24.52 -9.92
N SER B 269 -3.78 23.57 -10.81
CA SER B 269 -4.19 22.23 -10.42
C SER B 269 -3.01 21.41 -9.91
N LEU B 270 -3.29 20.50 -8.99
CA LEU B 270 -2.29 19.57 -8.47
C LEU B 270 -2.75 18.16 -8.75
N HIS B 271 -1.91 17.40 -9.44
CA HIS B 271 -2.19 16.00 -9.73
C HIS B 271 -2.60 15.25 -8.47
N PRO B 272 -3.60 14.35 -8.56
CA PRO B 272 -4.10 13.66 -7.37
C PRO B 272 -3.04 12.93 -6.54
N LEU B 273 -2.12 12.21 -7.18
CA LEU B 273 -1.04 11.57 -6.43
C LEU B 273 -0.27 12.59 -5.60
N LEU B 274 0.04 13.76 -6.19
CA LEU B 274 0.74 14.79 -5.44
C LEU B 274 -0.14 15.40 -4.37
N GLN B 275 -1.45 15.54 -4.64
CA GLN B 275 -2.36 16.00 -3.60
C GLN B 275 -2.32 15.07 -2.41
N GLU B 276 -2.31 13.76 -2.65
CA GLU B 276 -2.20 12.77 -1.58
C GLU B 276 -0.89 12.90 -0.82
N ILE B 277 0.24 12.90 -1.55
CA ILE B 277 1.55 12.98 -0.90
C ILE B 277 1.63 14.20 0.01
N TYR B 278 1.26 15.37 -0.53
CA TYR B 278 1.37 16.61 0.23
C TYR B 278 0.30 16.73 1.29
N LYS B 279 -0.79 15.98 1.16
CA LYS B 279 -1.84 15.94 2.18
C LYS B 279 -1.25 15.47 3.49
N ASP B 280 -1.34 16.33 4.51
CA ASP B 280 -0.93 16.01 5.88
C ASP B 280 0.58 15.84 6.03
N MET B 281 1.37 16.29 5.06
CA MET B 281 2.82 16.06 5.08
C MET B 281 3.50 17.06 6.02
N TYR B 282 4.04 16.55 7.12
CA TYR B 282 4.73 17.35 8.14
C TYR B 282 3.84 18.47 8.67
#